data_3SO2
#
_entry.id   3SO2
#
_cell.length_a   66.910
_cell.length_b   66.910
_cell.length_c   93.630
_cell.angle_alpha   90.00
_cell.angle_beta   90.00
_cell.angle_gamma   120.00
#
_symmetry.space_group_name_H-M   'H 3'
#
loop_
_entity.id
_entity.type
_entity.pdbx_description
1 polymer 'Putative uncharacterized protein'
2 water water
#
_entity_poly.entity_id   1
_entity_poly.type   'polypeptide(L)'
_entity_poly.pdbx_seq_one_letter_code
;GSLREALRVHLLNEHAVLPKRGSAGAAGFDLASCEDTEVPARGRAVVKTGLQIAIPPGTYARVAPRSGLAVKHFIDTGAG
VVDEDYRGEVGVVLFNHGETPFQVRRGDRVAQLILERIATPEVVEVESLDETTRGTGGYGSTGVAS
;
_entity_poly.pdbx_strand_id   A
#
# COMPACT_ATOMS: atom_id res chain seq x y z
N LEU A 7 -6.07 14.66 -0.86
CA LEU A 7 -5.86 13.59 0.13
C LEU A 7 -6.16 14.13 1.50
N ARG A 8 -7.35 13.82 2.06
CA ARG A 8 -7.73 14.34 3.37
C ARG A 8 -7.26 13.37 4.46
N VAL A 9 -6.64 13.92 5.51
CA VAL A 9 -6.02 13.07 6.54
C VAL A 9 -6.33 13.61 7.93
N HIS A 10 -6.87 12.74 8.77
CA HIS A 10 -7.10 13.03 10.17
C HIS A 10 -6.12 12.22 11.01
N LEU A 11 -5.27 12.91 11.78
CA LEU A 11 -4.35 12.26 12.73
C LEU A 11 -5.04 11.85 14.02
N LEU A 12 -4.88 10.59 14.36
CA LEU A 12 -5.64 9.93 15.42
C LEU A 12 -4.90 9.95 16.78
N ASN A 13 -3.57 10.07 16.77
CA ASN A 13 -2.79 10.37 17.98
C ASN A 13 -1.55 11.22 17.72
N GLU A 14 -0.89 11.66 18.78
CA GLU A 14 0.18 12.65 18.67
C GLU A 14 1.48 12.09 18.12
N HIS A 15 1.53 10.78 17.88
CA HIS A 15 2.72 10.15 17.32
C HIS A 15 2.51 9.88 15.84
N ALA A 16 1.29 10.06 15.35
CA ALA A 16 1.01 9.97 13.92
C ALA A 16 1.72 11.07 13.14
N VAL A 17 2.05 10.82 11.87
CA VAL A 17 2.75 11.81 11.04
C VAL A 17 1.95 12.09 9.77
N LEU A 18 1.75 13.37 9.48
CA LEU A 18 0.98 13.73 8.28
C LEU A 18 1.69 13.21 7.03
N PRO A 19 0.96 12.50 6.16
CA PRO A 19 1.61 12.10 4.90
C PRO A 19 2.11 13.27 4.10
N LYS A 20 3.18 13.05 3.34
CA LYS A 20 3.71 14.05 2.40
C LYS A 20 4.61 13.34 1.40
N ARG A 21 4.54 13.77 0.14
CA ARG A 21 5.45 13.24 -0.88
C ARG A 21 6.84 13.86 -0.71
N GLY A 22 7.88 13.04 -0.82
CA GLY A 22 9.24 13.52 -0.61
C GLY A 22 9.85 14.35 -1.74
N SER A 23 9.21 14.39 -2.91
CA SER A 23 9.65 15.32 -3.96
C SER A 23 8.45 15.63 -4.82
N ALA A 24 8.57 16.60 -5.72
CA ALA A 24 7.40 17.07 -6.45
C ALA A 24 7.01 16.09 -7.53
N GLY A 25 7.96 15.24 -7.93
CA GLY A 25 7.66 14.18 -8.87
C GLY A 25 7.53 12.85 -8.16
N ALA A 26 7.33 12.86 -6.84
CA ALA A 26 7.19 11.59 -6.12
C ALA A 26 5.81 11.02 -6.44
N ALA A 27 5.70 9.69 -6.55
CA ALA A 27 4.39 9.10 -6.82
C ALA A 27 3.59 8.99 -5.53
N GLY A 28 4.28 8.73 -4.42
CA GLY A 28 3.59 8.40 -3.16
C GLY A 28 3.72 9.34 -1.99
N PHE A 29 2.78 9.24 -1.03
CA PHE A 29 2.79 10.07 0.17
C PHE A 29 3.38 9.18 1.28
N ASP A 30 4.39 9.66 1.98
CA ASP A 30 5.08 8.85 2.98
C ASP A 30 4.16 8.50 4.11
N LEU A 31 4.21 7.25 4.54
CA LEU A 31 3.42 6.74 5.64
C LEU A 31 4.39 6.36 6.73
N ALA A 32 4.21 6.96 7.91
CA ALA A 32 5.04 6.62 9.05
C ALA A 32 4.28 5.85 10.11
N SER A 33 5.02 5.02 10.84
CA SER A 33 4.49 4.25 11.97
C SER A 33 4.22 5.24 13.09
N CYS A 34 3.11 5.08 13.79
CA CYS A 34 2.91 5.83 15.02
C CYS A 34 3.21 4.99 16.25
N GLU A 35 3.91 3.87 16.08
CA GLU A 35 4.12 2.97 17.21
C GLU A 35 5.48 2.30 17.12
N ASP A 36 5.92 1.75 18.24
CA ASP A 36 7.09 0.89 18.28
C ASP A 36 6.65 -0.56 18.20
N THR A 37 7.15 -1.28 17.20
CA THR A 37 6.76 -2.65 17.00
C THR A 37 7.88 -3.35 16.21
N GLU A 38 7.65 -4.58 15.78
CA GLU A 38 8.65 -5.33 15.05
C GLU A 38 7.94 -6.18 13.99
N VAL A 39 8.56 -6.38 12.84
CA VAL A 39 8.06 -7.36 11.87
C VAL A 39 8.93 -8.62 11.96
N PRO A 40 8.37 -9.73 12.44
CA PRO A 40 9.20 -10.92 12.64
C PRO A 40 9.83 -11.47 11.34
N ALA A 41 10.98 -12.12 11.47
CA ALA A 41 11.66 -12.77 10.34
C ALA A 41 10.70 -13.74 9.66
N ARG A 42 10.76 -13.81 8.32
CA ARG A 42 9.84 -14.65 7.55
C ARG A 42 8.42 -14.51 8.09
N GLY A 43 8.00 -13.29 8.37
CA GLY A 43 6.69 -13.12 8.96
C GLY A 43 6.05 -11.82 8.58
N ARG A 44 4.93 -11.51 9.21
CA ARG A 44 4.21 -10.29 8.93
C ARG A 44 3.76 -9.63 10.23
N ALA A 45 3.50 -8.33 10.13
CA ALA A 45 2.90 -7.55 11.20
C ALA A 45 2.11 -6.38 10.62
N VAL A 46 1.07 -5.96 11.30
CA VAL A 46 0.38 -4.75 10.87
C VAL A 46 0.96 -3.58 11.64
N VAL A 47 1.42 -2.55 10.93
CA VAL A 47 1.99 -1.37 11.58
C VAL A 47 0.94 -0.27 11.65
N LYS A 48 0.54 0.10 12.87
CA LYS A 48 -0.44 1.16 13.03
C LYS A 48 0.15 2.51 12.59
N THR A 49 -0.65 3.30 11.87
CA THR A 49 -0.20 4.65 11.46
C THR A 49 -0.87 5.79 12.21
N GLY A 50 -1.99 5.50 12.89
CA GLY A 50 -2.76 6.52 13.59
C GLY A 50 -3.46 7.49 12.64
N LEU A 51 -3.66 7.07 11.39
CA LEU A 51 -4.21 7.93 10.36
C LEU A 51 -5.57 7.44 9.87
N GLN A 52 -6.52 8.35 9.75
CA GLN A 52 -7.72 8.12 8.94
C GLN A 52 -7.61 8.92 7.67
N ILE A 53 -8.10 8.39 6.56
CA ILE A 53 -8.01 9.14 5.31
C ILE A 53 -9.33 9.15 4.53
N ALA A 54 -9.48 10.15 3.67
CA ALA A 54 -10.56 10.26 2.69
C ALA A 54 -9.87 10.67 1.41
N ILE A 55 -10.21 10.00 0.33
CA ILE A 55 -9.48 10.15 -0.90
C ILE A 55 -10.32 10.68 -2.05
N PRO A 56 -9.66 11.05 -3.14
CA PRO A 56 -10.49 11.65 -4.18
C PRO A 56 -11.33 10.67 -4.99
N PRO A 57 -12.38 11.17 -5.68
CA PRO A 57 -13.18 10.24 -6.50
C PRO A 57 -12.39 9.58 -7.61
N GLY A 58 -12.69 8.32 -7.89
CA GLY A 58 -12.03 7.65 -9.00
C GLY A 58 -10.65 7.09 -8.68
N THR A 59 -10.32 6.93 -7.41
CA THR A 59 -9.03 6.39 -7.00
C THR A 59 -9.24 5.34 -5.92
N TYR A 60 -8.16 4.64 -5.58
CA TYR A 60 -8.07 3.95 -4.28
C TYR A 60 -6.69 4.28 -3.78
N ALA A 61 -6.46 4.11 -2.48
CA ALA A 61 -5.13 4.35 -1.94
C ALA A 61 -4.41 3.04 -1.80
N ARG A 62 -3.29 2.93 -2.49
CA ARG A 62 -2.52 1.69 -2.43
C ARG A 62 -1.38 1.86 -1.43
N VAL A 63 -1.29 0.96 -0.46
CA VAL A 63 -0.13 0.96 0.45
C VAL A 63 1.01 0.26 -0.23
N ALA A 64 1.98 1.06 -0.71
CA ALA A 64 3.04 0.57 -1.56
C ALA A 64 4.35 0.52 -0.82
N PRO A 65 5.22 -0.36 -1.27
CA PRO A 65 6.53 -0.42 -0.64
C PRO A 65 7.50 0.74 -0.93
N ARG A 66 8.33 1.00 0.08
CA ARG A 66 9.51 1.84 -0.07
C ARG A 66 10.63 0.98 -0.64
N SER A 67 11.37 1.56 -1.59
CA SER A 67 12.40 0.80 -2.27
C SER A 67 13.57 0.44 -1.34
N GLY A 68 13.98 1.39 -0.51
CA GLY A 68 15.12 1.12 0.35
C GLY A 68 14.86 -0.04 1.29
N LEU A 69 13.67 -0.10 1.87
CA LEU A 69 13.38 -1.20 2.78
C LEU A 69 13.36 -2.55 2.05
N ALA A 70 12.99 -2.53 0.77
CA ALA A 70 12.94 -3.79 0.04
C ALA A 70 14.35 -4.30 -0.23
N VAL A 71 15.17 -3.43 -0.81
CA VAL A 71 16.55 -3.76 -1.15
C VAL A 71 17.36 -4.10 0.10
N LYS A 72 17.29 -3.26 1.11
CA LYS A 72 18.11 -3.42 2.32
C LYS A 72 17.59 -4.34 3.41
N HIS A 73 16.28 -4.56 3.49
CA HIS A 73 15.74 -5.40 4.55
C HIS A 73 14.73 -6.46 4.09
N PHE A 74 14.60 -6.64 2.78
CA PHE A 74 13.72 -7.69 2.22
C PHE A 74 12.27 -7.44 2.65
N ILE A 75 11.86 -6.17 2.70
CA ILE A 75 10.55 -5.80 3.19
C ILE A 75 9.61 -5.52 2.05
N ASP A 76 8.34 -5.91 2.21
CA ASP A 76 7.31 -5.63 1.23
C ASP A 76 6.06 -5.18 1.97
N THR A 77 5.17 -4.47 1.29
CA THR A 77 3.82 -4.35 1.84
C THR A 77 2.95 -5.50 1.33
N GLY A 78 2.08 -5.97 2.21
CA GLY A 78 1.06 -6.95 1.89
C GLY A 78 -0.26 -6.23 1.86
N ALA A 79 -1.31 -6.94 1.45
CA ALA A 79 -2.64 -6.31 1.34
C ALA A 79 -2.56 -4.96 0.62
N GLY A 80 -3.01 -3.89 1.27
CA GLY A 80 -2.71 -2.56 0.75
C GLY A 80 -3.72 -1.88 -0.16
N VAL A 81 -4.87 -2.53 -0.37
CA VAL A 81 -5.93 -1.90 -1.14
C VAL A 81 -6.87 -1.16 -0.19
N VAL A 82 -6.72 0.17 -0.09
CA VAL A 82 -7.52 0.97 0.85
C VAL A 82 -8.64 1.66 0.08
N ASP A 83 -9.88 1.22 0.32
CA ASP A 83 -11.01 1.67 -0.48
C ASP A 83 -11.39 3.10 -0.14
N GLU A 84 -12.09 3.73 -1.08
CA GLU A 84 -12.63 5.07 -0.91
C GLU A 84 -13.55 5.19 0.29
N ASP A 85 -14.21 4.09 0.66
CA ASP A 85 -15.18 4.17 1.75
C ASP A 85 -14.57 3.70 3.07
N TYR A 86 -13.25 3.46 3.08
CA TYR A 86 -12.57 3.06 4.31
C TYR A 86 -12.29 4.23 5.26
N ARG A 87 -12.87 4.21 6.46
CA ARG A 87 -12.72 5.32 7.44
C ARG A 87 -12.16 4.90 8.79
N GLY A 88 -11.48 3.77 8.79
CA GLY A 88 -10.82 3.26 9.97
C GLY A 88 -9.39 3.73 9.92
N GLU A 89 -8.66 3.43 10.97
CA GLU A 89 -7.23 3.65 11.02
C GLU A 89 -6.48 2.82 9.96
N VAL A 90 -5.65 3.48 9.16
CA VAL A 90 -4.83 2.77 8.19
C VAL A 90 -3.72 2.01 8.92
N GLY A 91 -3.71 0.68 8.77
CA GLY A 91 -2.62 -0.15 9.28
C GLY A 91 -1.84 -0.63 8.06
N VAL A 92 -0.51 -0.53 8.12
CA VAL A 92 0.34 -0.94 7.01
C VAL A 92 0.73 -2.41 7.23
N VAL A 93 0.37 -3.28 6.31
CA VAL A 93 0.74 -4.70 6.48
C VAL A 93 2.12 -4.87 5.89
N LEU A 94 3.09 -5.17 6.74
CA LEU A 94 4.46 -5.42 6.29
C LEU A 94 4.76 -6.91 6.25
N PHE A 95 5.38 -7.37 5.18
CA PHE A 95 5.96 -8.70 5.16
C PHE A 95 7.48 -8.58 5.30
N ASN A 96 8.10 -9.38 6.16
CA ASN A 96 9.58 -9.46 6.26
C ASN A 96 10.05 -10.84 5.76
N HIS A 97 10.63 -10.91 4.55
CA HIS A 97 11.03 -12.21 4.00
C HIS A 97 12.44 -12.59 4.46
N GLY A 98 13.11 -11.65 5.12
CA GLY A 98 14.47 -11.87 5.62
C GLY A 98 14.53 -12.77 6.84
N GLU A 99 15.76 -13.08 7.24
CA GLU A 99 15.99 -14.07 8.28
C GLU A 99 16.06 -13.46 9.68
N THR A 100 15.90 -12.15 9.77
CA THR A 100 16.02 -11.45 11.05
C THR A 100 14.87 -10.45 11.21
N PRO A 101 14.39 -10.22 12.43
CA PRO A 101 13.35 -9.20 12.70
C PRO A 101 13.63 -7.83 12.10
N PHE A 102 12.58 -7.16 11.62
CA PHE A 102 12.70 -5.77 11.21
C PHE A 102 12.15 -4.86 12.29
N GLN A 103 13.00 -3.98 12.84
CA GLN A 103 12.59 -3.06 13.90
C GLN A 103 11.88 -1.80 13.40
N VAL A 104 10.74 -1.49 13.99
CA VAL A 104 9.99 -0.30 13.65
C VAL A 104 9.82 0.57 14.89
N ARG A 105 10.09 1.86 14.74
CA ARG A 105 9.90 2.79 15.84
C ARG A 105 9.01 3.93 15.39
N ARG A 106 8.53 4.69 16.35
CA ARG A 106 7.60 5.78 16.06
C ARG A 106 8.26 6.78 15.13
N GLY A 107 7.56 7.16 14.07
CA GLY A 107 8.05 8.20 13.18
C GLY A 107 8.75 7.62 11.96
N ASP A 108 9.10 6.33 12.04
CA ASP A 108 9.80 5.64 10.94
C ASP A 108 8.87 5.52 9.74
N ARG A 109 9.37 5.83 8.55
CA ARG A 109 8.59 5.68 7.31
C ARG A 109 8.55 4.23 6.89
N VAL A 110 7.35 3.69 6.72
CA VAL A 110 7.27 2.24 6.50
C VAL A 110 6.62 1.81 5.17
N ALA A 111 6.12 2.77 4.41
CA ALA A 111 5.39 2.50 3.18
C ALA A 111 5.17 3.81 2.49
N GLN A 112 4.46 3.83 1.37
CA GLN A 112 4.10 5.11 0.75
C GLN A 112 2.71 4.93 0.17
N LEU A 113 1.87 5.95 0.25
CA LEU A 113 0.49 5.81 -0.17
C LEU A 113 0.40 6.35 -1.58
N ILE A 114 -0.07 5.54 -2.51
CA ILE A 114 -0.24 6.01 -3.88
C ILE A 114 -1.74 6.03 -4.24
N LEU A 115 -2.22 7.18 -4.73
CA LEU A 115 -3.60 7.32 -5.14
C LEU A 115 -3.74 6.85 -6.56
N GLU A 116 -3.99 5.55 -6.70
CA GLU A 116 -4.14 4.92 -8.03
C GLU A 116 -5.47 5.30 -8.65
N ARG A 117 -5.45 5.73 -9.91
CA ARG A 117 -6.70 6.02 -10.64
C ARG A 117 -7.23 4.67 -11.13
N ILE A 118 -8.54 4.46 -11.00
CA ILE A 118 -9.11 3.18 -11.39
C ILE A 118 -10.48 3.42 -12.00
N ALA A 119 -11.00 2.38 -12.65
CA ALA A 119 -12.31 2.46 -13.26
C ALA A 119 -13.17 1.56 -12.42
N THR A 120 -14.39 1.99 -12.10
CA THR A 120 -15.25 1.12 -11.31
C THR A 120 -16.63 1.06 -11.94
N PRO A 121 -16.69 0.57 -13.18
CA PRO A 121 -17.95 0.48 -13.95
C PRO A 121 -18.84 -0.64 -13.47
N GLU A 122 -20.05 -0.73 -14.00
CA GLU A 122 -20.90 -1.87 -13.73
C GLU A 122 -20.31 -3.16 -14.29
N VAL A 123 -20.70 -4.29 -13.72
CA VAL A 123 -20.30 -5.59 -14.25
C VAL A 123 -21.33 -5.96 -15.28
N VAL A 124 -20.91 -6.50 -16.41
CA VAL A 124 -21.84 -6.99 -17.42
C VAL A 124 -21.55 -8.46 -17.70
N GLU A 125 -22.47 -9.37 -17.34
CA GLU A 125 -22.23 -10.79 -17.63
C GLU A 125 -22.61 -11.07 -19.07
N VAL A 126 -21.74 -11.77 -19.78
CA VAL A 126 -21.97 -12.12 -21.18
C VAL A 126 -21.86 -13.63 -21.36
N GLU A 127 -22.37 -14.13 -22.48
CA GLU A 127 -22.34 -15.57 -22.75
C GLU A 127 -21.23 -15.99 -23.74
N SER A 128 -20.51 -15.02 -24.32
CA SER A 128 -19.25 -15.25 -25.06
C SER A 128 -18.43 -13.98 -25.16
N LEU A 129 -17.13 -14.15 -25.40
CA LEU A 129 -16.20 -13.05 -25.67
C LEU A 129 -15.34 -13.36 -26.91
N ASP A 130 -15.17 -12.36 -27.77
CA ASP A 130 -14.27 -12.44 -28.93
C ASP A 130 -12.81 -12.26 -28.48
N GLU A 131 -11.92 -12.04 -29.44
CA GLU A 131 -10.48 -11.92 -29.15
C GLU A 131 -9.79 -10.82 -29.93
N THR A 132 -8.46 -10.89 -29.94
CA THR A 132 -7.62 -9.88 -30.56
C THR A 132 -6.83 -10.64 -31.62
N THR A 133 -5.54 -10.84 -31.38
CA THR A 133 -4.83 -12.02 -31.86
C THR A 133 -4.50 -12.92 -30.65
N ARG A 134 -4.52 -12.32 -29.46
CA ARG A 134 -3.73 -12.81 -28.32
C ARG A 134 -4.46 -13.81 -27.39
N GLY A 135 -5.79 -13.73 -27.35
CA GLY A 135 -6.61 -14.87 -26.92
C GLY A 135 -6.34 -15.38 -25.51
N THR A 136 -6.40 -16.70 -25.37
CA THR A 136 -6.04 -17.37 -24.12
C THR A 136 -4.53 -17.37 -23.97
N GLY A 137 -3.85 -16.63 -24.84
CA GLY A 137 -2.45 -16.28 -24.65
C GLY A 137 -2.11 -16.19 -23.18
N GLY A 138 -1.71 -17.33 -22.61
CA GLY A 138 -1.31 -17.41 -21.22
C GLY A 138 0.09 -16.91 -20.91
N TYR A 139 0.81 -17.73 -20.14
CA TYR A 139 1.74 -17.26 -19.13
C TYR A 139 3.19 -17.42 -19.55
N GLY A 140 3.77 -16.31 -19.99
CA GLY A 140 4.83 -16.34 -20.98
C GLY A 140 4.15 -16.41 -22.34
N SER A 141 3.23 -15.48 -22.58
CA SER A 141 2.45 -15.43 -23.83
C SER A 141 3.39 -15.47 -25.04
N THR A 142 4.57 -14.86 -24.89
CA THR A 142 5.61 -14.93 -25.89
C THR A 142 6.83 -15.70 -25.34
N GLY A 143 6.99 -15.68 -24.02
CA GLY A 143 7.92 -16.59 -23.35
C GLY A 143 8.61 -16.09 -22.09
#